data_7QOE
#
_entry.id   7QOE
#
_cell.length_a   98.708
_cell.length_b   98.708
_cell.length_c   40.086
_cell.angle_alpha   90.000
_cell.angle_beta   90.000
_cell.angle_gamma   90.000
#
_symmetry.space_group_name_H-M   'P 42 21 2'
#
loop_
_entity.id
_entity.type
_entity.pdbx_description
1 polymer 'HDc domain-containing protein'
2 non-polymer 'MANGANESE (II) ION'
3 water water
#
_entity_poly.entity_id   1
_entity_poly.type   'polypeptide(L)'
_entity_poly.pdbx_seq_one_letter_code
;MQNQVDSYRPKLGKKFNEALVFASELHAEQRRKGTEIPYITHLLAVASIIGECGGSEVEVIAGLLHDSVEDQGGQETLEI
IKQKFGNEVAEIVLECSDTDIVPKPPWKERKTAYLNHLKESKNQSVILVSSADKLHNLRSIKSDLSEIGDLVWNRFSASK
EETIWYYRELLKIYKVKNAPKRLTIEMEEIIGFIAKLEHHHHHH
;
_entity_poly.pdbx_strand_id   A
#
# COMPACT_ATOMS: atom_id res chain seq x y z
N GLN A 4 -3.33 31.57 -1.28
CA GLN A 4 -4.09 30.34 -1.10
C GLN A 4 -5.12 30.22 -2.21
N VAL A 5 -4.75 30.72 -3.39
CA VAL A 5 -5.60 30.61 -4.56
C VAL A 5 -5.88 29.14 -4.85
N ASP A 6 -7.12 28.84 -5.21
CA ASP A 6 -7.46 27.50 -5.71
C ASP A 6 -7.34 27.53 -7.23
N SER A 7 -6.36 26.80 -7.76
CA SER A 7 -6.19 26.75 -9.20
C SER A 7 -7.38 26.07 -9.86
N TYR A 8 -7.52 26.29 -11.17
CA TYR A 8 -8.65 25.77 -11.93
C TYR A 8 -8.42 24.30 -12.28
N ARG A 9 -9.32 23.44 -11.80
CA ARG A 9 -9.32 22.02 -12.14
C ARG A 9 -7.93 21.38 -12.08
N PRO A 10 -7.24 21.48 -10.95
CA PRO A 10 -5.97 20.74 -10.79
C PRO A 10 -6.25 19.26 -10.67
N LYS A 11 -5.27 18.45 -11.09
CA LYS A 11 -5.47 17.01 -11.01
C LYS A 11 -5.68 16.57 -9.56
N LEU A 12 -4.85 17.09 -8.63
CA LEU A 12 -4.93 16.74 -7.21
C LEU A 12 -5.38 18.01 -6.48
N GLY A 13 -6.67 18.06 -6.17
CA GLY A 13 -7.31 19.27 -5.67
C GLY A 13 -7.93 19.15 -4.29
N LYS A 14 -9.09 19.80 -4.10
N LYS A 14 -9.09 19.80 -4.10
CA LYS A 14 -9.66 19.95 -2.77
CA LYS A 14 -9.68 19.95 -2.78
C LYS A 14 -9.88 18.61 -2.07
C LYS A 14 -9.88 18.61 -2.08
N LYS A 15 -10.41 17.62 -2.79
CA LYS A 15 -10.70 16.33 -2.15
C LYS A 15 -9.40 15.62 -1.75
N PHE A 16 -8.37 15.69 -2.61
CA PHE A 16 -7.08 15.14 -2.24
C PHE A 16 -6.53 15.82 -0.99
N ASN A 17 -6.68 17.14 -0.90
CA ASN A 17 -6.18 17.86 0.28
C ASN A 17 -6.95 17.46 1.53
N GLU A 18 -8.26 17.27 1.40
N GLU A 18 -8.26 17.24 1.38
CA GLU A 18 -9.04 16.76 2.52
CA GLU A 18 -9.08 16.75 2.50
C GLU A 18 -8.58 15.36 2.92
C GLU A 18 -8.70 15.33 2.89
N ALA A 19 -8.23 14.53 1.93
CA ALA A 19 -7.77 13.18 2.24
C ALA A 19 -6.42 13.19 2.94
N LEU A 20 -5.52 14.11 2.56
CA LEU A 20 -4.25 14.23 3.26
C LEU A 20 -4.49 14.44 4.75
N VAL A 21 -5.38 15.37 5.08
CA VAL A 21 -5.65 15.69 6.48
C VAL A 21 -6.35 14.53 7.16
N PHE A 22 -7.35 13.93 6.50
CA PHE A 22 -8.08 12.82 7.09
C PHE A 22 -7.16 11.64 7.40
N ALA A 23 -6.29 11.29 6.45
CA ALA A 23 -5.37 10.18 6.66
C ALA A 23 -4.43 10.47 7.84
N SER A 24 -3.91 11.70 7.92
CA SER A 24 -2.98 12.04 8.97
C SER A 24 -3.66 12.06 10.33
N GLU A 25 -4.88 12.60 10.39
CA GLU A 25 -5.62 12.60 11.65
C GLU A 25 -5.98 11.18 12.07
N LEU A 26 -6.44 10.37 11.13
CA LEU A 26 -6.89 9.03 11.47
C LEU A 26 -5.75 8.15 11.97
N HIS A 27 -4.56 8.30 11.38
CA HIS A 27 -3.40 7.48 11.69
C HIS A 27 -2.39 8.20 12.59
N ALA A 28 -2.80 9.30 13.24
CA ALA A 28 -1.86 10.16 13.95
C ALA A 28 -1.06 9.42 15.00
N GLU A 29 -1.66 8.46 15.68
CA GLU A 29 -1.03 7.76 16.78
C GLU A 29 -0.41 6.44 16.37
N GLN A 30 -0.60 6.03 15.12
CA GLN A 30 -0.06 4.77 14.65
C GLN A 30 1.40 4.95 14.26
N ARG A 31 2.19 3.92 14.51
N ARG A 31 2.19 3.91 14.49
CA ARG A 31 3.60 3.93 14.15
CA ARG A 31 3.61 3.92 14.17
C ARG A 31 3.85 2.80 13.16
C ARG A 31 3.92 2.76 13.24
N ARG A 32 4.91 2.96 12.38
CA ARG A 32 5.42 1.84 11.60
C ARG A 32 5.86 0.76 12.57
N LYS A 33 5.50 -0.50 12.28
CA LYS A 33 5.70 -1.58 13.24
C LYS A 33 7.15 -1.64 13.71
N GLY A 34 7.34 -1.71 15.02
CA GLY A 34 8.66 -1.85 15.61
C GLY A 34 9.46 -0.57 15.72
N THR A 35 8.85 0.58 15.42
CA THR A 35 9.58 1.84 15.35
C THR A 35 8.79 2.94 16.04
N GLU A 36 9.41 4.12 16.11
CA GLU A 36 8.76 5.35 16.53
C GLU A 36 8.37 6.22 15.34
N ILE A 37 8.37 5.66 14.13
N ILE A 37 8.37 5.67 14.14
CA ILE A 37 8.13 6.45 12.93
CA ILE A 37 8.13 6.46 12.93
C ILE A 37 6.63 6.61 12.71
C ILE A 37 6.62 6.61 12.74
N PRO A 38 6.11 7.83 12.60
CA PRO A 38 4.67 8.00 12.35
C PRO A 38 4.21 7.28 11.08
N TYR A 39 3.09 6.58 11.20
CA TYR A 39 2.59 5.77 10.09
C TYR A 39 2.24 6.60 8.86
N ILE A 40 1.88 7.87 9.05
CA ILE A 40 1.55 8.73 7.92
C ILE A 40 2.66 8.75 6.89
N THR A 41 3.91 8.52 7.30
CA THR A 41 5.01 8.51 6.33
C THR A 41 4.76 7.46 5.24
N HIS A 42 4.23 6.29 5.61
CA HIS A 42 3.97 5.23 4.64
C HIS A 42 2.89 5.67 3.66
N LEU A 43 1.81 6.26 4.18
CA LEU A 43 0.69 6.66 3.36
C LEU A 43 1.07 7.76 2.38
N LEU A 44 1.89 8.72 2.82
CA LEU A 44 2.36 9.77 1.93
C LEU A 44 3.23 9.19 0.83
N ALA A 45 4.09 8.24 1.17
CA ALA A 45 4.97 7.62 0.20
C ALA A 45 4.18 6.86 -0.86
N VAL A 46 3.15 6.12 -0.43
CA VAL A 46 2.33 5.35 -1.36
C VAL A 46 1.55 6.29 -2.27
N ALA A 47 0.97 7.36 -1.71
CA ALA A 47 0.26 8.33 -2.53
C ALA A 47 1.19 8.96 -3.56
N SER A 48 2.42 9.29 -3.15
CA SER A 48 3.41 9.83 -4.08
C SER A 48 3.69 8.87 -5.22
N ILE A 49 3.93 7.60 -4.91
CA ILE A 49 4.23 6.61 -5.95
C ILE A 49 3.06 6.50 -6.93
N ILE A 50 1.84 6.43 -6.40
CA ILE A 50 0.67 6.33 -7.27
C ILE A 50 0.59 7.53 -8.18
N GLY A 51 0.77 8.73 -7.64
CA GLY A 51 0.76 9.93 -8.47
C GLY A 51 1.82 9.91 -9.55
N GLU A 52 3.02 9.43 -9.21
CA GLU A 52 4.11 9.37 -10.17
C GLU A 52 3.84 8.38 -11.30
N CYS A 53 2.97 7.39 -11.07
CA CYS A 53 2.54 6.46 -12.10
C CYS A 53 1.35 6.97 -12.91
N GLY A 54 1.00 8.23 -12.74
CA GLY A 54 -0.11 8.81 -13.47
C GLY A 54 -1.45 8.54 -12.84
N GLY A 55 -1.48 8.17 -11.56
CA GLY A 55 -2.73 7.85 -10.92
C GLY A 55 -3.70 9.03 -10.92
N SER A 56 -4.98 8.70 -10.97
CA SER A 56 -6.03 9.69 -10.86
C SER A 56 -6.15 10.18 -9.42
N GLU A 57 -6.93 11.24 -9.22
CA GLU A 57 -7.17 11.71 -7.85
C GLU A 57 -7.81 10.62 -7.01
N VAL A 58 -8.76 9.89 -7.57
CA VAL A 58 -9.41 8.80 -6.84
C VAL A 58 -8.36 7.77 -6.41
N GLU A 59 -7.42 7.45 -7.30
CA GLU A 59 -6.42 6.45 -6.99
C GLU A 59 -5.43 6.94 -5.93
N VAL A 60 -5.00 8.20 -6.03
CA VAL A 60 -4.08 8.75 -5.03
C VAL A 60 -4.75 8.78 -3.67
N ILE A 61 -6.01 9.20 -3.61
CA ILE A 61 -6.74 9.21 -2.35
C ILE A 61 -6.87 7.80 -1.79
N ALA A 62 -7.23 6.84 -2.62
CA ALA A 62 -7.28 5.46 -2.16
C ALA A 62 -5.93 5.02 -1.59
N GLY A 63 -4.83 5.49 -2.20
CA GLY A 63 -3.52 5.18 -1.66
C GLY A 63 -3.32 5.74 -0.27
N LEU A 64 -3.72 7.00 -0.05
CA LEU A 64 -3.63 7.56 1.29
C LEU A 64 -4.44 6.77 2.30
N LEU A 65 -5.54 6.17 1.87
CA LEU A 65 -6.50 5.56 2.76
C LEU A 65 -6.47 4.03 2.73
N HIS A 66 -5.49 3.42 2.08
CA HIS A 66 -5.57 1.99 1.82
C HIS A 66 -5.45 1.16 3.09
N ASP A 67 -4.89 1.70 4.18
CA ASP A 67 -4.78 0.98 5.44
C ASP A 67 -5.80 1.45 6.49
N SER A 68 -6.75 2.31 6.10
CA SER A 68 -7.61 2.96 7.08
CA SER A 68 -7.61 2.96 7.09
C SER A 68 -8.67 2.01 7.63
N VAL A 69 -9.20 1.12 6.79
CA VAL A 69 -10.22 0.17 7.25
C VAL A 69 -9.60 -0.94 8.07
N GLU A 70 -8.45 -1.46 7.62
CA GLU A 70 -7.78 -2.51 8.37
C GLU A 70 -7.31 -2.02 9.73
N ASP A 71 -6.69 -0.83 9.78
CA ASP A 71 -5.97 -0.40 10.97
C ASP A 71 -6.70 0.65 11.81
N GLN A 72 -7.72 1.32 11.27
CA GLN A 72 -8.29 2.49 11.93
C GLN A 72 -9.81 2.52 11.87
N GLY A 73 -10.47 1.38 12.06
CA GLY A 73 -11.87 1.42 12.42
C GLY A 73 -12.85 0.62 11.59
N GLY A 74 -12.37 -0.13 10.61
CA GLY A 74 -13.25 -1.10 9.94
C GLY A 74 -14.42 -0.45 9.23
N GLN A 75 -15.60 -1.03 9.41
CA GLN A 75 -16.75 -0.64 8.59
C GLN A 75 -17.22 0.78 8.90
N GLU A 76 -17.07 1.24 10.14
CA GLU A 76 -17.47 2.62 10.44
C GLU A 76 -16.57 3.61 9.72
N THR A 77 -15.28 3.29 9.63
CA THR A 77 -14.37 4.16 8.87
C THR A 77 -14.66 4.10 7.38
N LEU A 78 -15.02 2.92 6.86
CA LEU A 78 -15.41 2.84 5.45
C LEU A 78 -16.58 3.77 5.15
N GLU A 79 -17.55 3.84 6.06
CA GLU A 79 -18.69 4.71 5.84
C GLU A 79 -18.27 6.18 5.82
N ILE A 80 -17.33 6.56 6.69
CA ILE A 80 -16.81 7.92 6.65
C ILE A 80 -16.10 8.19 5.33
N ILE A 81 -15.35 7.21 4.82
CA ILE A 81 -14.67 7.37 3.53
C ILE A 81 -15.69 7.62 2.43
N LYS A 82 -16.79 6.87 2.44
CA LYS A 82 -17.85 7.09 1.45
C LYS A 82 -18.38 8.50 1.55
N GLN A 83 -18.64 8.96 2.77
CA GLN A 83 -19.22 10.28 2.96
C GLN A 83 -18.29 11.38 2.49
N LYS A 84 -16.99 11.26 2.77
CA LYS A 84 -16.06 12.31 2.43
C LYS A 84 -15.55 12.23 1.00
N PHE A 85 -15.29 11.01 0.51
CA PHE A 85 -14.53 10.79 -0.72
C PHE A 85 -15.28 9.99 -1.77
N GLY A 86 -16.44 9.44 -1.44
CA GLY A 86 -17.27 8.77 -2.41
C GLY A 86 -17.05 7.26 -2.42
N ASN A 87 -17.95 6.59 -3.13
CA ASN A 87 -17.97 5.13 -3.13
C ASN A 87 -16.88 4.52 -3.99
N GLU A 88 -16.37 5.23 -5.00
CA GLU A 88 -15.31 4.65 -5.82
C GLU A 88 -14.03 4.50 -4.99
N VAL A 89 -13.65 5.55 -4.27
CA VAL A 89 -12.53 5.45 -3.35
C VAL A 89 -12.77 4.33 -2.35
N ALA A 90 -13.97 4.31 -1.75
CA ALA A 90 -14.24 3.31 -0.72
C ALA A 90 -14.11 1.90 -1.29
N GLU A 91 -14.57 1.69 -2.54
CA GLU A 91 -14.51 0.37 -3.13
C GLU A 91 -13.07 -0.08 -3.39
N ILE A 92 -12.17 0.84 -3.75
CA ILE A 92 -10.77 0.47 -3.91
C ILE A 92 -10.19 0.09 -2.56
N VAL A 93 -10.45 0.90 -1.55
CA VAL A 93 -9.93 0.62 -0.21
C VAL A 93 -10.42 -0.74 0.28
N LEU A 94 -11.71 -1.00 0.12
CA LEU A 94 -12.25 -2.27 0.61
C LEU A 94 -11.65 -3.45 -0.14
N GLU A 95 -11.49 -3.33 -1.46
CA GLU A 95 -10.94 -4.44 -2.24
C GLU A 95 -9.47 -4.67 -1.92
N CYS A 96 -8.75 -3.61 -1.52
CA CYS A 96 -7.37 -3.78 -1.07
C CYS A 96 -7.30 -4.45 0.29
N SER A 97 -8.30 -4.26 1.13
CA SER A 97 -8.26 -4.75 2.50
C SER A 97 -8.37 -6.28 2.51
N ASP A 98 -7.78 -6.89 3.54
CA ASP A 98 -7.72 -8.35 3.62
C ASP A 98 -8.75 -8.88 4.62
N PRO A 105 -7.84 -19.15 10.31
CA PRO A 105 -7.32 -19.90 9.15
C PRO A 105 -5.80 -19.85 9.06
N PRO A 106 -5.16 -20.93 8.59
CA PRO A 106 -3.69 -20.97 8.58
C PRO A 106 -3.10 -19.84 7.74
N TRP A 107 -1.96 -19.33 8.19
CA TRP A 107 -1.30 -18.20 7.55
C TRP A 107 -1.14 -18.42 6.05
N LYS A 108 -0.61 -19.57 5.64
N LYS A 108 -0.60 -19.56 5.66
CA LYS A 108 -0.31 -19.74 4.22
CA LYS A 108 -0.32 -19.82 4.25
C LYS A 108 -1.58 -19.80 3.38
C LYS A 108 -1.59 -19.77 3.41
N GLU A 109 -2.69 -20.27 3.95
CA GLU A 109 -3.95 -20.26 3.20
C GLU A 109 -4.53 -18.86 3.11
N ARG A 110 -4.38 -18.06 4.17
CA ARG A 110 -4.81 -16.67 4.10
C ARG A 110 -4.03 -15.91 3.03
N LYS A 111 -2.72 -16.13 2.96
CA LYS A 111 -1.90 -15.48 1.94
C LYS A 111 -2.35 -15.89 0.54
N THR A 112 -2.55 -17.20 0.35
CA THR A 112 -3.00 -17.70 -0.95
C THR A 112 -4.35 -17.10 -1.31
N ALA A 113 -5.26 -16.98 -0.35
CA ALA A 113 -6.55 -16.39 -0.64
C ALA A 113 -6.41 -14.94 -1.08
N TYR A 114 -5.55 -14.18 -0.42
CA TYR A 114 -5.38 -12.78 -0.80
C TYR A 114 -4.74 -12.65 -2.18
N LEU A 115 -3.76 -13.49 -2.48
CA LEU A 115 -3.13 -13.49 -3.79
C LEU A 115 -4.16 -13.78 -4.89
N ASN A 116 -5.00 -14.79 -4.67
CA ASN A 116 -6.04 -15.09 -5.66
C ASN A 116 -7.06 -13.98 -5.76
N HIS A 117 -7.37 -13.32 -4.64
CA HIS A 117 -8.26 -12.17 -4.66
C HIS A 117 -7.73 -11.06 -5.56
N LEU A 118 -6.44 -10.74 -5.44
CA LEU A 118 -5.83 -9.75 -6.30
C LEU A 118 -5.84 -10.22 -7.75
N LYS A 119 -5.50 -11.49 -7.97
CA LYS A 119 -5.43 -12.04 -9.32
C LYS A 119 -6.76 -11.93 -10.03
N GLU A 120 -7.86 -12.06 -9.30
N GLU A 120 -7.87 -12.07 -9.31
CA GLU A 120 -9.20 -12.06 -9.88
CA GLU A 120 -9.19 -12.05 -9.92
C GLU A 120 -9.81 -10.68 -9.95
C GLU A 120 -9.80 -10.66 -9.97
N SER A 121 -9.13 -9.65 -9.44
CA SER A 121 -9.73 -8.34 -9.35
C SER A 121 -10.06 -7.80 -10.73
N LYS A 122 -11.21 -7.14 -10.84
CA LYS A 122 -11.61 -6.46 -12.06
C LYS A 122 -11.31 -4.96 -12.01
N ASN A 123 -10.58 -4.50 -11.00
CA ASN A 123 -10.35 -3.07 -10.77
C ASN A 123 -8.86 -2.76 -10.89
N GLN A 124 -8.46 -2.16 -12.02
CA GLN A 124 -7.06 -1.83 -12.22
C GLN A 124 -6.55 -0.88 -11.14
N SER A 125 -7.44 -0.05 -10.58
CA SER A 125 -7.02 0.84 -9.52
C SER A 125 -6.52 0.06 -8.31
N VAL A 126 -7.11 -1.09 -8.03
CA VAL A 126 -6.66 -1.90 -6.91
C VAL A 126 -5.23 -2.38 -7.14
N ILE A 127 -4.92 -2.81 -8.36
CA ILE A 127 -3.57 -3.27 -8.68
C ILE A 127 -2.56 -2.14 -8.52
N LEU A 128 -2.91 -0.93 -8.94
CA LEU A 128 -2.00 0.20 -8.83
C LEU A 128 -1.73 0.53 -7.36
N VAL A 129 -2.79 0.61 -6.55
CA VAL A 129 -2.63 0.94 -5.14
C VAL A 129 -1.84 -0.15 -4.43
N SER A 130 -2.21 -1.40 -4.66
CA SER A 130 -1.54 -2.53 -4.03
C SER A 130 -0.05 -2.55 -4.36
N SER A 131 0.30 -2.40 -5.63
CA SER A 131 1.71 -2.48 -6.03
C SER A 131 2.50 -1.32 -5.44
N ALA A 132 1.91 -0.13 -5.35
CA ALA A 132 2.61 1.00 -4.71
C ALA A 132 2.85 0.74 -3.22
N ASP A 133 1.84 0.22 -2.54
CA ASP A 133 1.96 -0.19 -1.13
C ASP A 133 3.13 -1.16 -0.95
N LYS A 134 3.18 -2.21 -1.76
CA LYS A 134 4.21 -3.22 -1.62
C LYS A 134 5.58 -2.66 -1.99
N LEU A 135 5.67 -1.79 -3.00
CA LEU A 135 6.96 -1.20 -3.34
C LEU A 135 7.49 -0.40 -2.15
N HIS A 136 6.63 0.41 -1.53
CA HIS A 136 7.12 1.17 -0.38
C HIS A 136 7.56 0.24 0.75
N ASN A 137 6.80 -0.81 1.01
CA ASN A 137 7.21 -1.74 2.06
C ASN A 137 8.56 -2.36 1.74
N LEU A 138 8.81 -2.70 0.49
CA LEU A 138 10.09 -3.28 0.11
C LEU A 138 11.24 -2.28 0.24
N ARG A 139 11.03 -1.04 -0.21
CA ARG A 139 12.06 -0.02 -0.02
C ARG A 139 12.37 0.15 1.46
N SER A 140 11.34 0.07 2.29
CA SER A 140 11.53 0.24 3.73
C SER A 140 12.35 -0.90 4.31
N ILE A 141 12.10 -2.14 3.91
CA ILE A 141 12.92 -3.25 4.37
C ILE A 141 14.38 -3.03 3.96
N LYS A 142 14.60 -2.68 2.70
CA LYS A 142 15.95 -2.45 2.22
C LYS A 142 16.66 -1.37 3.02
N SER A 143 16.00 -0.23 3.24
CA SER A 143 16.60 0.83 4.03
C SER A 143 16.89 0.40 5.46
N ASP A 144 15.94 -0.31 6.08
CA ASP A 144 16.17 -0.78 7.44
C ASP A 144 17.33 -1.75 7.48
N LEU A 145 17.45 -2.64 6.48
CA LEU A 145 18.60 -3.54 6.46
C LEU A 145 19.92 -2.78 6.51
N SER A 146 19.99 -1.63 5.84
CA SER A 146 21.24 -0.88 5.81
C SER A 146 21.58 -0.27 7.15
N GLU A 147 20.60 -0.10 8.04
CA GLU A 147 20.80 0.48 9.35
C GLU A 147 20.98 -0.57 10.44
N ILE A 148 20.09 -1.57 10.49
CA ILE A 148 20.04 -2.53 11.59
C ILE A 148 20.28 -3.96 11.13
N GLY A 149 20.57 -4.18 9.85
CA GLY A 149 20.88 -5.52 9.40
C GLY A 149 19.72 -6.48 9.64
N ASP A 150 20.06 -7.71 10.00
CA ASP A 150 19.05 -8.75 10.12
C ASP A 150 18.08 -8.52 11.28
N LEU A 151 18.34 -7.53 12.12
CA LEU A 151 17.36 -7.17 13.14
C LEU A 151 16.02 -6.75 12.54
N VAL A 152 16.01 -6.32 11.27
CA VAL A 152 14.75 -5.94 10.63
C VAL A 152 13.75 -7.09 10.67
N TRP A 153 14.22 -8.33 10.56
CA TRP A 153 13.32 -9.48 10.49
C TRP A 153 12.60 -9.74 11.80
N ASN A 154 13.11 -9.18 12.91
CA ASN A 154 12.46 -9.33 14.20
C ASN A 154 11.17 -8.53 14.32
N ARG A 155 10.77 -7.79 13.28
CA ARG A 155 9.56 -7.00 13.33
C ARG A 155 8.37 -7.69 12.66
N PHE A 156 8.56 -8.84 12.04
CA PHE A 156 7.53 -9.45 11.21
C PHE A 156 6.86 -10.62 11.94
N SER A 157 5.65 -10.97 11.47
CA SER A 157 4.89 -12.12 11.97
CA SER A 157 4.89 -12.11 11.97
C SER A 157 4.99 -13.31 11.03
N ALA A 158 6.16 -13.51 10.43
CA ALA A 158 6.42 -14.57 9.47
C ALA A 158 7.92 -14.63 9.34
N SER A 159 8.41 -15.73 8.76
CA SER A 159 9.84 -15.88 8.59
C SER A 159 10.32 -15.09 7.38
N LYS A 160 11.64 -14.90 7.30
CA LYS A 160 12.22 -14.27 6.11
C LYS A 160 11.84 -15.05 4.86
N GLU A 161 11.89 -16.38 4.93
N GLU A 161 11.91 -16.39 4.92
CA GLU A 161 11.59 -17.21 3.77
CA GLU A 161 11.58 -17.20 3.75
C GLU A 161 10.13 -17.06 3.34
C GLU A 161 10.13 -17.03 3.34
N GLU A 162 9.22 -17.01 4.33
CA GLU A 162 7.81 -16.80 4.02
C GLU A 162 7.57 -15.42 3.43
N THR A 163 8.26 -14.41 3.96
CA THR A 163 8.08 -13.05 3.48
C THR A 163 8.57 -12.91 2.05
N ILE A 164 9.73 -13.49 1.74
CA ILE A 164 10.26 -13.42 0.37
C ILE A 164 9.34 -14.17 -0.59
N TRP A 165 8.85 -15.35 -0.19
CA TRP A 165 7.90 -16.07 -1.03
C TRP A 165 6.69 -15.21 -1.35
N TYR A 166 6.12 -14.56 -0.34
CA TYR A 166 4.91 -13.77 -0.53
C TYR A 166 5.16 -12.62 -1.47
N TYR A 167 6.29 -11.92 -1.31
CA TYR A 167 6.58 -10.80 -2.21
C TYR A 167 6.83 -11.31 -3.64
N ARG A 168 7.48 -12.47 -3.78
N ARG A 168 7.47 -12.48 -3.77
CA ARG A 168 7.68 -13.00 -5.12
CA ARG A 168 7.70 -13.02 -5.12
C ARG A 168 6.35 -13.31 -5.79
C ARG A 168 6.40 -13.40 -5.80
N GLU A 169 5.40 -13.87 -5.04
CA GLU A 169 4.11 -14.18 -5.62
C GLU A 169 3.34 -12.92 -5.95
N LEU A 170 3.38 -11.90 -5.08
CA LEU A 170 2.78 -10.61 -5.38
C LEU A 170 3.34 -10.04 -6.67
N LEU A 171 4.67 -10.08 -6.83
CA LEU A 171 5.28 -9.57 -8.05
C LEU A 171 4.74 -10.26 -9.29
N LYS A 172 4.60 -11.58 -9.24
CA LYS A 172 4.09 -12.30 -10.41
C LYS A 172 2.67 -11.85 -10.75
N ILE A 173 1.84 -11.63 -9.74
CA ILE A 173 0.48 -11.16 -9.97
C ILE A 173 0.49 -9.75 -10.56
N TYR A 174 1.32 -8.86 -10.01
CA TYR A 174 1.36 -7.51 -10.54
C TYR A 174 1.78 -7.50 -12.00
N LYS A 175 2.72 -8.36 -12.37
CA LYS A 175 3.10 -8.46 -13.79
C LYS A 175 1.94 -8.93 -14.67
N VAL A 176 1.22 -9.97 -14.23
CA VAL A 176 0.14 -10.53 -15.04
C VAL A 176 -1.04 -9.59 -15.11
N LYS A 177 -1.21 -8.71 -14.13
CA LYS A 177 -2.30 -7.75 -14.09
C LYS A 177 -1.87 -6.38 -14.62
N ASN A 178 -0.72 -6.29 -15.27
N ASN A 178 -0.72 -6.29 -15.27
CA ASN A 178 -0.23 -5.09 -15.95
CA ASN A 178 -0.25 -5.08 -15.94
C ASN A 178 -0.09 -3.89 -15.01
C ASN A 178 -0.13 -3.89 -14.99
N ALA A 179 0.46 -4.13 -13.82
CA ALA A 179 0.87 -3.03 -12.97
C ALA A 179 1.97 -2.26 -13.69
N PRO A 180 2.19 -0.99 -13.33
CA PRO A 180 3.21 -0.21 -14.03
C PRO A 180 4.60 -0.86 -13.95
N LYS A 181 5.27 -0.95 -15.09
N LYS A 181 5.27 -0.95 -15.09
CA LYS A 181 6.60 -1.55 -15.12
CA LYS A 181 6.60 -1.56 -15.11
C LYS A 181 7.58 -0.77 -14.26
C LYS A 181 7.59 -0.76 -14.27
N ARG A 182 7.40 0.56 -14.14
CA ARG A 182 8.29 1.31 -13.28
C ARG A 182 8.28 0.76 -11.86
N LEU A 183 7.14 0.20 -11.43
CA LEU A 183 7.07 -0.37 -10.09
C LEU A 183 7.60 -1.80 -10.05
N THR A 184 7.19 -2.64 -11.01
CA THR A 184 7.59 -4.04 -10.93
C THR A 184 9.07 -4.25 -11.20
N ILE A 185 9.67 -3.42 -12.06
CA ILE A 185 11.12 -3.51 -12.28
C ILE A 185 11.86 -3.28 -10.97
N GLU A 186 11.50 -2.23 -10.24
CA GLU A 186 12.18 -1.95 -8.99
C GLU A 186 11.87 -3.01 -7.94
N MET A 187 10.63 -3.50 -7.88
N MET A 187 10.61 -3.47 -7.87
CA MET A 187 10.28 -4.54 -6.92
CA MET A 187 10.29 -4.55 -6.94
C MET A 187 11.16 -5.78 -7.12
C MET A 187 11.24 -5.72 -7.13
N GLU A 188 11.39 -6.18 -8.37
CA GLU A 188 12.20 -7.34 -8.64
C GLU A 188 13.64 -7.12 -8.19
N GLU A 189 14.17 -5.91 -8.41
N GLU A 189 14.17 -5.91 -8.38
CA GLU A 189 15.52 -5.61 -7.93
CA GLU A 189 15.52 -5.63 -7.93
C GLU A 189 15.59 -5.76 -6.41
C GLU A 189 15.63 -5.71 -6.41
N ILE A 190 14.67 -5.12 -5.70
CA ILE A 190 14.73 -5.12 -4.24
C ILE A 190 14.57 -6.52 -3.69
N ILE A 191 13.62 -7.29 -4.22
CA ILE A 191 13.42 -8.66 -3.73
C ILE A 191 14.72 -9.46 -3.85
N GLY A 192 15.38 -9.37 -5.00
CA GLY A 192 16.65 -10.06 -5.15
C GLY A 192 17.68 -9.58 -4.15
N PHE A 193 17.73 -8.26 -3.89
CA PHE A 193 18.67 -7.71 -2.94
C PHE A 193 18.41 -8.22 -1.53
N ILE A 194 17.16 -8.15 -1.07
CA ILE A 194 16.86 -8.53 0.30
C ILE A 194 16.93 -10.04 0.49
N ALA A 195 16.77 -10.82 -0.58
CA ALA A 195 16.95 -12.27 -0.50
C ALA A 195 18.42 -12.66 -0.34
N LYS A 196 19.33 -11.68 -0.34
CA LYS A 196 20.76 -11.91 -0.17
C LYS A 196 21.40 -12.33 -1.48
#